data_5K0E
#
_entry.id   5K0E
#
_cell.length_a   77.793
_cell.length_b   108.307
_cell.length_c   69.302
_cell.angle_alpha   90.000
_cell.angle_beta   90.000
_cell.angle_gamma   90.000
#
_symmetry.space_group_name_H-M   'C 2 2 21'
#
loop_
_entity.id
_entity.type
_entity.pdbx_description
1 polymer 'Catechol O-methyltransferase'
2 non-polymer 'SODIUM ION'
3 non-polymer '2-[N-CYCLOHEXYLAMINO]ETHANE SULFONIC ACID'
4 non-polymer 'CHLORIDE ION'
5 non-polymer 2,4-dimethyl-5-[3-(2-phenylpropan-2-yl)-1H-pyrazol-5-yl]-1,3-thiazole
6 water water
#
_entity_poly.entity_id   1
_entity_poly.type   'polypeptide(L)'
_entity_poly.pdbx_seq_one_letter_code
;GDTKEQRILRYVQQNAKPGDPQSVLEAIDTYCTQKEWAMNVGDAKGQIMDAVIREYSPSLVLELGAYCGYSAVRMARLLQ
PGARLLTMEINPDCAAITQQMLNFAGLQDKVTILNGASQDLIPQLKKKYDVDTLDMVFLDHWKDRYLPDTLLLEECGLLR
KGTVLLADNVIVPGTPDFLAYVRGSSSFECTHYSSYLEYMKVVDGLEKAIYQGPS
;
_entity_poly.pdbx_strand_id   A
#
loop_
_chem_comp.id
_chem_comp.type
_chem_comp.name
_chem_comp.formula
6OZ non-polymer 2,4-dimethyl-5-[3-(2-phenylpropan-2-yl)-1H-pyrazol-5-yl]-1,3-thiazole 'C17 H19 N3 S'
CL non-polymer 'CHLORIDE ION' 'Cl -1'
NA non-polymer 'SODIUM ION' 'Na 1'
NHE non-polymer '2-[N-CYCLOHEXYLAMINO]ETHANE SULFONIC ACID' 'C8 H17 N O3 S'
#
# COMPACT_ATOMS: atom_id res chain seq x y z
N GLY A 1 -13.98 6.22 -23.51
CA GLY A 1 -13.85 7.53 -22.90
C GLY A 1 -12.65 7.63 -21.98
N ASP A 2 -12.38 8.85 -21.51
CA ASP A 2 -11.24 9.12 -20.64
C ASP A 2 -11.60 8.98 -19.14
N THR A 3 -11.11 7.91 -18.52
CA THR A 3 -11.54 7.54 -17.16
C THR A 3 -10.98 8.44 -16.08
N LYS A 4 -11.50 8.28 -14.86
CA LYS A 4 -11.04 9.05 -13.71
C LYS A 4 -9.55 8.81 -13.45
N GLU A 5 -9.12 7.58 -13.67
CA GLU A 5 -7.75 7.21 -13.37
C GLU A 5 -6.83 7.79 -14.45
N GLN A 6 -7.32 7.85 -15.68
CA GLN A 6 -6.54 8.43 -16.76
C GLN A 6 -6.42 9.94 -16.60
N ARG A 7 -7.48 10.58 -16.15
CA ARG A 7 -7.44 12.00 -15.82
C ARG A 7 -6.34 12.28 -14.78
N ILE A 8 -6.18 11.37 -13.81
CA ILE A 8 -5.19 11.56 -12.76
C ILE A 8 -3.77 11.44 -13.31
N LEU A 9 -3.53 10.38 -14.07
CA LEU A 9 -2.24 10.19 -14.74
C LEU A 9 -1.93 11.38 -15.64
N ARG A 10 -2.91 11.77 -16.45
CA ARG A 10 -2.76 12.91 -17.35
C ARG A 10 -2.32 14.16 -16.59
N TYR A 11 -2.93 14.45 -15.45
CA TYR A 11 -2.59 15.66 -14.71
C TYR A 11 -1.14 15.62 -14.24
N VAL A 12 -0.71 14.45 -13.76
CA VAL A 12 0.64 14.24 -13.26
C VAL A 12 1.66 14.49 -14.34
N GLN A 13 1.44 13.88 -15.49
CA GLN A 13 2.27 14.07 -16.66
C GLN A 13 2.38 15.54 -17.14
N GLN A 14 1.35 16.34 -16.88
CA GLN A 14 1.36 17.76 -17.22
C GLN A 14 2.13 18.59 -16.19
N ASN A 15 1.88 18.36 -14.90
CA ASN A 15 2.33 19.27 -13.84
C ASN A 15 3.46 18.74 -12.97
N ALA A 16 3.77 17.46 -13.05
CA ALA A 16 4.88 16.94 -12.27
C ALA A 16 6.13 16.90 -13.13
N LYS A 17 7.24 16.62 -12.47
CA LYS A 17 8.54 16.54 -13.12
C LYS A 17 8.94 15.06 -13.19
N PRO A 18 9.29 14.55 -14.40
CA PRO A 18 9.71 13.15 -14.50
C PRO A 18 10.96 12.86 -13.67
N GLY A 19 11.01 11.69 -13.01
CA GLY A 19 12.16 11.33 -12.19
C GLY A 19 12.13 11.90 -10.77
N ASP A 20 11.12 12.72 -10.48
CA ASP A 20 10.95 13.33 -9.15
C ASP A 20 9.67 12.81 -8.47
N PRO A 21 9.81 11.77 -7.63
CA PRO A 21 8.65 11.13 -7.01
C PRO A 21 7.85 12.11 -6.14
N GLN A 22 8.52 13.03 -5.47
CA GLN A 22 7.83 13.99 -4.60
C GLN A 22 6.87 14.88 -5.39
N SER A 23 7.28 15.32 -6.58
CA SER A 23 6.41 16.21 -7.37
C SER A 23 5.19 15.45 -7.87
N VAL A 24 5.35 14.14 -8.06
CA VAL A 24 4.23 13.29 -8.41
C VAL A 24 3.23 13.26 -7.27
N LEU A 25 3.73 13.21 -6.05
CA LEU A 25 2.86 13.15 -4.89
C LEU A 25 2.12 14.47 -4.72
N GLU A 26 2.84 15.58 -4.84
CA GLU A 26 2.21 16.89 -4.76
C GLU A 26 1.10 17.05 -5.82
N ALA A 27 1.39 16.63 -7.04
CA ALA A 27 0.45 16.82 -8.15
C ALA A 27 -0.83 16.03 -7.94
N ILE A 28 -0.69 14.77 -7.53
CA ILE A 28 -1.82 13.93 -7.17
C ILE A 28 -2.62 14.51 -6.00
N ASP A 29 -1.93 14.86 -4.93
CA ASP A 29 -2.58 15.51 -3.79
C ASP A 29 -3.33 16.79 -4.24
N THR A 30 -2.69 17.58 -5.11
CA THR A 30 -3.30 18.81 -5.59
C THR A 30 -4.56 18.57 -6.44
N TYR A 31 -4.51 17.57 -7.32
CA TYR A 31 -5.66 17.24 -8.17
C TYR A 31 -6.85 16.73 -7.34
N CYS A 32 -6.59 15.75 -6.49
CA CYS A 32 -7.63 15.16 -5.63
C CYS A 32 -8.34 16.20 -4.75
N THR A 33 -7.63 17.28 -4.44
CA THR A 33 -8.21 18.36 -3.66
C THR A 33 -9.00 19.30 -4.57
N GLN A 34 -8.62 19.34 -5.85
CA GLN A 34 -9.29 20.20 -6.83
C GLN A 34 -10.60 19.56 -7.31
N LYS A 35 -10.56 18.26 -7.55
CA LYS A 35 -11.72 17.52 -8.02
C LYS A 35 -12.52 16.90 -6.87
N GLU A 36 -11.97 16.97 -5.66
CA GLU A 36 -12.60 16.48 -4.43
C GLU A 36 -12.92 15.00 -4.49
N TRP A 37 -11.98 14.21 -4.99
CA TRP A 37 -12.12 12.77 -4.92
C TRP A 37 -11.81 12.33 -3.50
N ALA A 38 -12.69 11.54 -2.91
CA ALA A 38 -12.48 11.02 -1.57
C ALA A 38 -11.41 9.93 -1.56
N MET A 39 -10.23 10.27 -2.05
CA MET A 39 -9.10 9.34 -2.10
C MET A 39 -8.43 9.28 -0.74
N ASN A 40 -8.49 8.12 -0.11
CA ASN A 40 -8.11 7.90 1.28
C ASN A 40 -6.77 8.51 1.69
N VAL A 41 -5.81 8.51 0.76
CA VAL A 41 -4.48 8.98 1.07
C VAL A 41 -4.30 10.47 0.80
N GLY A 42 -3.65 11.14 1.76
CA GLY A 42 -3.29 12.53 1.63
C GLY A 42 -1.97 12.68 2.37
N ASP A 43 -1.76 13.85 2.97
CA ASP A 43 -0.55 14.08 3.74
C ASP A 43 -0.70 13.50 5.15
N ALA A 44 -1.93 13.44 5.64
CA ALA A 44 -2.21 12.89 6.97
C ALA A 44 -1.64 11.48 7.14
N LYS A 45 -2.21 10.52 6.39
CA LYS A 45 -1.74 9.14 6.41
C LYS A 45 -0.39 9.00 5.72
N GLY A 46 -0.06 9.94 4.85
CA GLY A 46 1.19 9.90 4.12
C GLY A 46 2.38 10.07 5.04
N GLN A 47 2.26 10.99 5.99
CA GLN A 47 3.33 11.21 6.95
C GLN A 47 3.58 9.95 7.77
N ILE A 48 2.51 9.28 8.21
CA ILE A 48 2.66 8.06 9.00
C ILE A 48 3.29 6.95 8.15
N MET A 49 2.86 6.80 6.91
CA MET A 49 3.44 5.79 6.02
C MET A 49 4.92 6.03 5.85
N ASP A 50 5.29 7.29 5.64
CA ASP A 50 6.68 7.70 5.47
C ASP A 50 7.48 7.33 6.71
N ALA A 51 6.95 7.68 7.87
CA ALA A 51 7.60 7.37 9.13
C ALA A 51 7.79 5.86 9.31
N VAL A 52 6.76 5.07 8.98
CA VAL A 52 6.85 3.62 9.18
C VAL A 52 7.96 3.03 8.33
N ILE A 53 8.05 3.47 7.07
CA ILE A 53 9.08 3.00 6.17
C ILE A 53 10.47 3.41 6.69
N ARG A 54 10.55 4.60 7.27
CA ARG A 54 11.83 5.10 7.73
C ARG A 54 12.32 4.32 8.94
N GLU A 55 11.40 3.97 9.84
CA GLU A 55 11.79 3.33 11.09
C GLU A 55 12.29 1.91 10.86
N TYR A 56 11.65 1.20 9.94
CA TYR A 56 11.90 -0.23 9.77
C TYR A 56 12.73 -0.57 8.52
N SER A 57 12.91 0.41 7.64
CA SER A 57 13.74 0.27 6.44
C SER A 57 13.64 -1.10 5.76
N PRO A 58 12.44 -1.42 5.25
CA PRO A 58 12.19 -2.74 4.66
C PRO A 58 12.94 -2.99 3.35
N SER A 59 13.45 -4.20 3.19
CA SER A 59 14.11 -4.61 1.95
C SER A 59 13.09 -5.08 0.94
N LEU A 60 12.00 -5.65 1.45
CA LEU A 60 10.93 -6.16 0.61
C LEU A 60 9.57 -5.73 1.17
N VAL A 61 8.81 -5.04 0.33
CA VAL A 61 7.49 -4.56 0.68
C VAL A 61 6.46 -5.19 -0.23
N LEU A 62 5.38 -5.69 0.34
CA LEU A 62 4.22 -6.14 -0.42
C LEU A 62 3.08 -5.14 -0.27
N GLU A 63 2.58 -4.60 -1.38
CA GLU A 63 1.38 -3.81 -1.31
C GLU A 63 0.21 -4.56 -1.96
N LEU A 64 -0.93 -4.54 -1.27
CA LEU A 64 -2.21 -5.04 -1.79
C LEU A 64 -3.15 -3.88 -2.13
N GLY A 65 -3.42 -3.68 -3.42
CA GLY A 65 -4.35 -2.62 -3.85
C GLY A 65 -3.65 -1.39 -4.42
N ALA A 66 -3.03 -1.53 -5.59
CA ALA A 66 -2.22 -0.47 -6.17
C ALA A 66 -3.03 0.77 -6.59
N TYR A 67 -4.20 0.51 -7.16
CA TYR A 67 -5.07 1.52 -7.73
C TYR A 67 -4.31 2.38 -8.76
N CYS A 68 -4.07 3.65 -8.44
CA CYS A 68 -3.38 4.55 -9.36
C CYS A 68 -1.86 4.61 -9.20
N GLY A 69 -1.37 4.16 -8.06
CA GLY A 69 0.05 4.14 -7.79
C GLY A 69 0.53 5.18 -6.80
N TYR A 70 -0.37 5.91 -6.17
CA TYR A 70 0.01 6.91 -5.17
C TYR A 70 0.86 6.30 -4.06
N SER A 71 0.31 5.26 -3.44
CA SER A 71 0.93 4.59 -2.31
C SER A 71 2.22 3.91 -2.72
N ALA A 72 2.26 3.40 -3.94
CA ALA A 72 3.45 2.72 -4.41
C ALA A 72 4.59 3.74 -4.61
N VAL A 73 4.24 4.90 -5.15
CA VAL A 73 5.21 5.96 -5.37
C VAL A 73 5.72 6.47 -4.06
N ARG A 74 4.80 6.70 -3.13
CA ARG A 74 5.16 7.25 -1.84
C ARG A 74 6.12 6.32 -1.11
N MET A 75 5.82 5.03 -1.12
CA MET A 75 6.66 4.05 -0.44
C MET A 75 7.98 3.78 -1.15
N ALA A 76 7.94 3.61 -2.46
CA ALA A 76 9.10 3.20 -3.23
C ALA A 76 10.17 4.30 -3.27
N ARG A 77 9.75 5.54 -3.08
CA ARG A 77 10.67 6.65 -3.13
C ARG A 77 11.60 6.66 -1.94
N LEU A 78 11.20 5.97 -0.86
CA LEU A 78 12.00 5.89 0.35
C LEU A 78 12.78 4.58 0.44
N LEU A 79 12.51 3.66 -0.46
CA LEU A 79 13.24 2.40 -0.46
C LEU A 79 14.71 2.59 -0.82
N GLN A 80 15.55 1.76 -0.22
CA GLN A 80 16.97 1.69 -0.51
C GLN A 80 17.21 1.05 -1.87
N PRO A 81 18.36 1.34 -2.48
CA PRO A 81 18.77 0.65 -3.71
C PRO A 81 18.79 -0.86 -3.51
N GLY A 82 18.26 -1.63 -4.45
CA GLY A 82 18.26 -3.09 -4.31
C GLY A 82 17.05 -3.64 -3.55
N ALA A 83 16.41 -2.78 -2.76
CA ALA A 83 15.13 -3.11 -2.17
C ALA A 83 14.04 -3.22 -3.24
N ARG A 84 12.94 -3.91 -2.91
CA ARG A 84 11.87 -4.15 -3.86
C ARG A 84 10.52 -3.81 -3.29
N LEU A 85 9.63 -3.34 -4.16
CA LEU A 85 8.23 -3.27 -3.82
C LEU A 85 7.45 -4.19 -4.76
N LEU A 86 6.59 -5.04 -4.18
CA LEU A 86 5.68 -5.84 -4.99
C LEU A 86 4.30 -5.31 -4.71
N THR A 87 3.62 -4.89 -5.77
CA THR A 87 2.29 -4.38 -5.59
C THR A 87 1.33 -5.28 -6.38
N MET A 88 0.21 -5.62 -5.73
CA MET A 88 -0.78 -6.49 -6.38
C MET A 88 -2.00 -5.66 -6.73
N GLU A 89 -2.46 -5.80 -7.97
CA GLU A 89 -3.65 -5.08 -8.42
C GLU A 89 -4.55 -6.04 -9.17
N ILE A 90 -5.82 -6.07 -8.77
CA ILE A 90 -6.78 -6.98 -9.39
C ILE A 90 -7.37 -6.42 -10.69
N ASN A 91 -7.40 -5.09 -10.83
CA ASN A 91 -7.93 -4.45 -12.04
C ASN A 91 -6.83 -4.09 -13.07
N PRO A 92 -6.87 -4.73 -14.24
CA PRO A 92 -5.87 -4.57 -15.29
C PRO A 92 -5.59 -3.12 -15.70
N ASP A 93 -6.66 -2.32 -15.79
CA ASP A 93 -6.54 -0.95 -16.28
C ASP A 93 -5.89 -0.04 -15.24
N CYS A 94 -6.14 -0.35 -13.97
CA CYS A 94 -5.45 0.28 -12.85
C CYS A 94 -3.98 -0.15 -12.80
N ALA A 95 -3.75 -1.44 -12.98
CA ALA A 95 -2.41 -1.95 -13.06
C ALA A 95 -1.63 -1.16 -14.11
N ALA A 96 -2.25 -0.87 -15.24
CA ALA A 96 -1.57 -0.12 -16.31
C ALA A 96 -1.36 1.35 -15.92
N ILE A 97 -2.29 1.92 -15.15
CA ILE A 97 -2.13 3.30 -14.72
C ILE A 97 -0.93 3.37 -13.79
N THR A 98 -0.90 2.43 -12.84
CA THR A 98 0.14 2.35 -11.84
C THR A 98 1.50 2.20 -12.48
N GLN A 99 1.59 1.35 -13.50
CA GLN A 99 2.82 1.18 -14.24
C GLN A 99 3.32 2.53 -14.77
N GLN A 100 2.47 3.23 -15.52
CA GLN A 100 2.80 4.53 -16.12
C GLN A 100 3.15 5.57 -15.08
N MET A 101 2.42 5.53 -13.97
CA MET A 101 2.70 6.40 -12.83
C MET A 101 4.10 6.13 -12.28
N LEU A 102 4.46 4.87 -12.10
CA LEU A 102 5.77 4.55 -11.53
C LEU A 102 6.87 4.88 -12.53
N ASN A 103 6.55 4.70 -13.80
CA ASN A 103 7.51 4.99 -14.84
C ASN A 103 7.79 6.49 -14.96
N PHE A 104 6.76 7.31 -14.81
CA PHE A 104 6.95 8.76 -14.84
C PHE A 104 7.86 9.18 -13.72
N ALA A 105 7.61 8.57 -12.57
CA ALA A 105 8.27 8.92 -11.32
C ALA A 105 9.74 8.44 -11.29
N GLY A 106 10.11 7.56 -12.21
CA GLY A 106 11.47 7.04 -12.27
C GLY A 106 11.69 5.91 -11.27
N LEU A 107 10.61 5.23 -10.88
CA LEU A 107 10.65 4.16 -9.88
C LEU A 107 10.33 2.78 -10.45
N GLN A 108 10.32 2.64 -11.77
CA GLN A 108 9.85 1.42 -12.40
C GLN A 108 10.74 0.24 -12.02
N ASP A 109 12.00 0.53 -11.71
CA ASP A 109 13.00 -0.49 -11.40
C ASP A 109 12.78 -1.16 -10.03
N LYS A 110 12.44 -0.36 -9.02
CA LYS A 110 12.21 -0.85 -7.67
C LYS A 110 10.93 -1.66 -7.54
N VAL A 111 9.96 -1.37 -8.40
CA VAL A 111 8.61 -1.86 -8.23
C VAL A 111 8.21 -2.91 -9.24
N THR A 112 7.60 -3.99 -8.75
CA THR A 112 7.04 -4.99 -9.64
C THR A 112 5.54 -5.04 -9.44
N ILE A 113 4.79 -4.97 -10.53
CA ILE A 113 3.33 -5.03 -10.47
C ILE A 113 2.81 -6.41 -10.82
N LEU A 114 1.95 -6.96 -9.98
CA LEU A 114 1.36 -8.27 -10.23
C LEU A 114 -0.14 -8.11 -10.42
N ASN A 115 -0.68 -8.53 -11.57
CA ASN A 115 -2.13 -8.41 -11.79
CA ASN A 115 -2.11 -8.44 -11.83
C ASN A 115 -2.82 -9.74 -11.48
N GLY A 116 -3.75 -9.66 -10.54
CA GLY A 116 -4.50 -10.80 -10.09
C GLY A 116 -5.01 -10.55 -8.69
N ALA A 117 -5.79 -11.50 -8.19
CA ALA A 117 -6.34 -11.39 -6.84
C ALA A 117 -5.28 -11.85 -5.84
N SER A 118 -5.23 -11.14 -4.71
CA SER A 118 -4.30 -11.44 -3.62
C SER A 118 -4.24 -12.94 -3.22
N GLN A 119 -5.39 -13.58 -3.08
CA GLN A 119 -5.41 -14.95 -2.57
C GLN A 119 -4.90 -15.93 -3.62
N ASP A 120 -4.81 -15.47 -4.87
CA ASP A 120 -4.19 -16.29 -5.93
C ASP A 120 -2.68 -16.04 -6.08
N LEU A 121 -2.26 -14.82 -5.78
CA LEU A 121 -0.89 -14.41 -6.05
C LEU A 121 0.06 -14.65 -4.87
N ILE A 122 -0.40 -14.29 -3.68
CA ILE A 122 0.33 -14.54 -2.43
C ILE A 122 0.94 -15.95 -2.32
N PRO A 123 0.18 -17.02 -2.65
CA PRO A 123 0.86 -18.32 -2.52
C PRO A 123 1.90 -18.59 -3.60
N GLN A 124 2.01 -17.72 -4.60
CA GLN A 124 3.04 -17.91 -5.63
C GLN A 124 4.36 -17.20 -5.36
N LEU A 125 4.34 -16.22 -4.45
CA LEU A 125 5.48 -15.36 -4.17
C LEU A 125 6.79 -16.08 -3.89
N LYS A 126 6.78 -17.10 -3.02
CA LYS A 126 8.01 -17.82 -2.68
C LYS A 126 8.65 -18.53 -3.87
N LYS A 127 7.84 -19.26 -4.62
CA LYS A 127 8.35 -20.01 -5.75
C LYS A 127 8.62 -19.13 -6.99
N LYS A 128 7.61 -18.35 -7.40
CA LYS A 128 7.68 -17.62 -8.66
C LYS A 128 8.42 -16.28 -8.60
N TYR A 129 8.40 -15.63 -7.45
CA TYR A 129 9.01 -14.31 -7.35
C TYR A 129 10.19 -14.29 -6.40
N ASP A 130 10.72 -15.48 -6.10
CA ASP A 130 11.93 -15.67 -5.29
C ASP A 130 11.89 -14.89 -3.98
N VAL A 131 10.73 -14.90 -3.34
CA VAL A 131 10.61 -14.27 -2.05
C VAL A 131 10.96 -15.27 -0.96
N ASP A 132 11.69 -14.82 0.06
CA ASP A 132 11.88 -15.58 1.29
C ASP A 132 10.80 -15.18 2.29
N THR A 133 11.02 -14.08 3.02
CA THR A 133 9.96 -13.48 3.81
C THR A 133 9.80 -12.03 3.43
N LEU A 134 8.76 -11.39 3.95
CA LEU A 134 8.47 -9.99 3.65
C LEU A 134 8.82 -9.12 4.85
N ASP A 135 9.24 -7.89 4.60
CA ASP A 135 9.63 -7.00 5.69
C ASP A 135 8.48 -6.09 6.05
N MET A 136 7.61 -5.89 5.09
CA MET A 136 6.52 -4.98 5.29
C MET A 136 5.38 -5.34 4.36
N VAL A 137 4.16 -5.16 4.84
CA VAL A 137 2.97 -5.37 4.04
C VAL A 137 2.06 -4.18 4.24
N PHE A 138 1.64 -3.58 3.13
CA PHE A 138 0.66 -2.51 3.17
C PHE A 138 -0.68 -3.03 2.59
N LEU A 139 -1.72 -3.07 3.41
CA LEU A 139 -3.04 -3.56 3.01
C LEU A 139 -3.96 -2.37 2.76
N ASP A 140 -4.49 -2.30 1.54
CA ASP A 140 -5.28 -1.15 1.14
C ASP A 140 -6.24 -1.56 0.03
N HIS A 141 -6.47 -2.87 -0.07
CA HIS A 141 -7.39 -3.43 -1.06
C HIS A 141 -8.83 -3.62 -0.49
N TRP A 142 -9.49 -4.73 -0.77
CA TRP A 142 -10.87 -4.93 -0.25
C TRP A 142 -10.87 -5.26 1.22
N LYS A 143 -11.70 -4.54 1.99
CA LYS A 143 -11.59 -4.61 3.44
C LYS A 143 -11.97 -5.99 3.97
N ASP A 144 -12.93 -6.65 3.32
CA ASP A 144 -13.30 -7.97 3.81
C ASP A 144 -12.16 -8.96 3.56
N ARG A 145 -11.13 -8.57 2.81
CA ARG A 145 -10.02 -9.47 2.52
C ARG A 145 -8.83 -9.28 3.46
N TYR A 146 -8.85 -8.27 4.32
CA TYR A 146 -7.70 -8.01 5.16
C TYR A 146 -7.38 -9.20 6.05
N LEU A 147 -8.41 -9.69 6.74
CA LEU A 147 -8.21 -10.78 7.69
C LEU A 147 -7.86 -12.10 6.97
N PRO A 148 -8.64 -12.52 5.95
CA PRO A 148 -8.18 -13.74 5.28
C PRO A 148 -6.80 -13.68 4.62
N ASP A 149 -6.35 -12.50 4.18
CA ASP A 149 -5.06 -12.43 3.49
C ASP A 149 -3.92 -12.36 4.51
N THR A 150 -4.17 -11.71 5.64
CA THR A 150 -3.26 -11.80 6.79
C THR A 150 -3.03 -13.26 7.22
N LEU A 151 -4.11 -14.03 7.37
CA LEU A 151 -4.00 -15.45 7.72
C LEU A 151 -3.30 -16.25 6.63
N LEU A 152 -3.55 -15.87 5.38
CA LEU A 152 -2.88 -16.49 4.24
C LEU A 152 -1.38 -16.14 4.23
N LEU A 153 -1.03 -14.92 4.59
CA LEU A 153 0.40 -14.56 4.66
C LEU A 153 1.11 -15.30 5.81
N GLU A 154 0.41 -15.60 6.90
CA GLU A 154 0.95 -16.47 7.96
C GLU A 154 1.17 -17.90 7.47
N GLU A 155 0.10 -18.52 6.95
CA GLU A 155 0.12 -19.92 6.51
C GLU A 155 1.28 -20.15 5.55
N CYS A 156 1.54 -19.16 4.70
CA CYS A 156 2.54 -19.30 3.67
C CYS A 156 3.95 -19.04 4.18
N GLY A 157 4.06 -18.51 5.39
CA GLY A 157 5.36 -18.26 5.97
C GLY A 157 6.08 -17.13 5.27
N LEU A 158 5.34 -16.07 4.96
CA LEU A 158 5.88 -14.89 4.29
C LEU A 158 6.18 -13.83 5.32
N LEU A 159 5.68 -14.02 6.52
CA LEU A 159 6.00 -13.13 7.64
C LEU A 159 7.09 -13.71 8.54
N ARG A 160 8.10 -12.91 8.86
CA ARG A 160 9.06 -13.28 9.89
C ARG A 160 8.86 -12.34 11.07
N LYS A 161 9.50 -12.64 12.20
CA LYS A 161 9.33 -11.83 13.40
C LYS A 161 9.81 -10.42 13.11
N GLY A 162 8.98 -9.43 13.39
CA GLY A 162 9.35 -8.07 13.05
C GLY A 162 8.80 -7.57 11.74
N THR A 163 8.24 -8.47 10.92
CA THR A 163 7.52 -8.03 9.73
C THR A 163 6.40 -7.09 10.13
N VAL A 164 6.38 -5.91 9.51
CA VAL A 164 5.37 -4.90 9.78
C VAL A 164 4.17 -5.07 8.84
N LEU A 165 2.96 -5.16 9.40
CA LEU A 165 1.73 -5.02 8.60
C LEU A 165 1.18 -3.67 8.90
N LEU A 166 0.85 -2.94 7.83
CA LEU A 166 0.26 -1.63 7.97
C LEU A 166 -1.07 -1.63 7.21
N ALA A 167 -2.16 -1.34 7.89
CA ALA A 167 -3.45 -1.46 7.23
C ALA A 167 -4.25 -0.15 7.27
N ASP A 168 -4.66 0.32 6.10
CA ASP A 168 -5.37 1.58 6.03
C ASP A 168 -6.88 1.37 6.05
N ASN A 169 -7.59 2.39 6.54
CA ASN A 169 -9.04 2.44 6.52
C ASN A 169 -9.65 1.43 7.46
N VAL A 170 -8.95 1.12 8.54
CA VAL A 170 -9.41 0.07 9.45
C VAL A 170 -10.64 0.50 10.22
N ILE A 171 -10.94 1.79 10.20
CA ILE A 171 -12.11 2.30 10.91
C ILE A 171 -13.22 2.70 9.93
N VAL A 172 -12.80 3.18 8.75
CA VAL A 172 -13.73 3.66 7.74
C VAL A 172 -13.29 3.16 6.37
N PRO A 173 -14.11 2.31 5.72
CA PRO A 173 -15.40 1.79 6.18
C PRO A 173 -15.31 0.78 7.34
N GLY A 174 -14.09 0.44 7.75
CA GLY A 174 -13.88 -0.42 8.90
C GLY A 174 -13.51 -1.84 8.56
N THR A 175 -12.56 -2.38 9.32
CA THR A 175 -12.22 -3.80 9.29
C THR A 175 -12.26 -4.34 10.72
N PRO A 176 -13.46 -4.47 11.28
CA PRO A 176 -13.66 -4.75 12.70
C PRO A 176 -13.09 -6.10 13.14
N ASP A 177 -13.23 -7.11 12.29
CA ASP A 177 -12.79 -8.45 12.65
C ASP A 177 -11.29 -8.58 12.48
N PHE A 178 -10.76 -7.91 11.48
CA PHE A 178 -9.32 -7.88 11.29
C PHE A 178 -8.64 -7.32 12.52
N LEU A 179 -9.18 -6.23 13.05
CA LEU A 179 -8.61 -5.57 14.21
C LEU A 179 -8.65 -6.50 15.40
N ALA A 180 -9.85 -7.01 15.70
CA ALA A 180 -10.09 -7.90 16.84
C ALA A 180 -9.09 -9.04 16.83
N TYR A 181 -8.82 -9.58 15.66
CA TYR A 181 -7.86 -10.66 15.53
C TYR A 181 -6.46 -10.22 15.93
N VAL A 182 -5.90 -9.23 15.24
CA VAL A 182 -4.50 -8.86 15.49
C VAL A 182 -4.31 -8.30 16.89
N ARG A 183 -5.28 -7.54 17.37
CA ARG A 183 -5.17 -7.01 18.71
C ARG A 183 -5.27 -8.13 19.75
N GLY A 184 -6.07 -9.14 19.45
CA GLY A 184 -6.26 -10.25 20.38
C GLY A 184 -5.14 -11.26 20.34
N SER A 185 -4.56 -11.44 19.16
CA SER A 185 -3.50 -12.41 18.99
C SER A 185 -2.18 -11.94 19.59
N SER A 186 -1.51 -12.89 20.23
CA SER A 186 -0.17 -12.70 20.75
C SER A 186 0.83 -12.73 19.59
N SER A 187 0.40 -13.18 18.42
CA SER A 187 1.27 -13.22 17.25
C SER A 187 1.49 -11.84 16.64
N PHE A 188 0.73 -10.85 17.13
CA PHE A 188 0.84 -9.48 16.64
C PHE A 188 0.84 -8.46 17.77
N GLU A 189 1.79 -7.54 17.70
CA GLU A 189 1.81 -6.37 18.56
C GLU A 189 1.33 -5.16 17.77
N CYS A 190 0.31 -4.47 18.30
CA CYS A 190 -0.45 -3.52 17.52
C CYS A 190 -0.43 -2.07 18.03
N THR A 191 -0.40 -1.15 17.08
CA THR A 191 -0.47 0.29 17.31
C THR A 191 -1.48 0.91 16.36
N HIS A 192 -2.30 1.83 16.87
CA HIS A 192 -3.28 2.52 16.07
C HIS A 192 -2.87 3.96 15.85
N TYR A 193 -2.94 4.40 14.60
CA TYR A 193 -2.65 5.77 14.26
C TYR A 193 -3.90 6.44 13.69
N SER A 194 -4.19 7.64 14.19
CA SER A 194 -5.41 8.33 13.79
C SER A 194 -5.21 9.23 12.57
N SER A 195 -6.24 9.30 11.74
CA SER A 195 -6.26 10.23 10.62
C SER A 195 -7.69 10.69 10.40
N TYR A 196 -7.90 11.99 10.60
CA TYR A 196 -9.19 12.62 10.35
C TYR A 196 -9.41 12.77 8.85
N LEU A 197 -10.57 12.32 8.38
CA LEU A 197 -10.95 12.47 6.98
C LEU A 197 -11.72 13.78 6.82
N GLU A 198 -11.03 14.83 6.40
CA GLU A 198 -11.60 16.17 6.49
C GLU A 198 -12.69 16.42 5.44
N TYR A 199 -12.74 15.58 4.41
CA TYR A 199 -13.79 15.68 3.42
C TYR A 199 -15.10 15.09 3.95
N MET A 200 -14.97 14.08 4.80
CA MET A 200 -16.13 13.37 5.34
C MET A 200 -16.43 13.78 6.78
N LYS A 201 -15.48 14.49 7.39
CA LYS A 201 -15.60 14.95 8.77
C LYS A 201 -15.86 13.79 9.74
N VAL A 202 -14.98 12.80 9.68
CA VAL A 202 -15.05 11.65 10.59
C VAL A 202 -13.64 11.07 10.78
N VAL A 203 -13.38 10.49 11.93
CA VAL A 203 -12.07 9.91 12.23
C VAL A 203 -11.90 8.55 11.56
N ASP A 204 -10.72 8.33 10.98
CA ASP A 204 -10.32 7.03 10.44
C ASP A 204 -9.00 6.70 11.12
N GLY A 205 -8.30 5.69 10.62
CA GLY A 205 -7.00 5.36 11.16
C GLY A 205 -6.28 4.25 10.45
N LEU A 206 -4.99 4.14 10.74
CA LEU A 206 -4.20 3.01 10.27
C LEU A 206 -3.87 2.13 11.46
N GLU A 207 -3.80 0.84 11.19
CA GLU A 207 -3.32 -0.12 12.16
C GLU A 207 -1.96 -0.63 11.73
N LYS A 208 -0.99 -0.56 12.64
CA LYS A 208 0.29 -1.21 12.43
C LYS A 208 0.42 -2.43 13.34
N ALA A 209 0.69 -3.58 12.74
CA ALA A 209 0.78 -4.82 13.49
C ALA A 209 2.07 -5.51 13.11
N ILE A 210 2.88 -5.79 14.12
CA ILE A 210 4.18 -6.39 13.92
C ILE A 210 4.10 -7.86 14.28
N TYR A 211 4.30 -8.72 13.30
CA TYR A 211 4.31 -10.15 13.54
C TYR A 211 5.40 -10.54 14.56
N GLN A 212 5.02 -11.37 15.54
CA GLN A 212 5.89 -11.78 16.63
C GLN A 212 6.46 -13.19 16.49
N GLY A 213 6.06 -13.89 15.43
CA GLY A 213 6.31 -15.31 15.31
C GLY A 213 5.02 -16.06 15.52
N PRO A 214 4.99 -17.37 15.22
CA PRO A 214 3.75 -18.15 15.38
C PRO A 214 3.40 -18.51 16.85
N SER A 215 2.10 -18.64 17.13
CA SER A 215 1.57 -18.86 18.49
C SER A 215 1.92 -20.24 19.05
NA NA B . -1.98 -8.23 19.83
C3' NHE C . -11.08 0.33 -11.78
C2' NHE C . -12.10 1.41 -12.05
C1' NHE C . -12.35 2.32 -10.87
C6' NHE C . -12.55 1.60 -9.56
N NHE C . -13.55 3.04 -11.19
C1 NHE C . -13.75 4.15 -10.32
C2 NHE C . -14.47 5.21 -11.13
S NHE C . -15.62 6.10 -10.12
O1 NHE C . -16.25 7.18 -10.95
O2 NHE C . -14.98 6.66 -8.88
O3 NHE C . -16.82 5.24 -9.75
C5' NHE C . -11.49 0.56 -9.32
C4' NHE C . -11.38 -0.40 -10.48
CL CL D . -3.59 5.49 -6.04
C01 6OZ E . -10.13 -1.78 -6.02
C02 6OZ E . -8.05 -2.89 -5.50
C04 6OZ E . -11.25 -1.27 -5.41
C05 6OZ E . -12.51 -1.51 -5.94
C06 6OZ E . -12.65 -2.30 -7.07
C07 6OZ E . -11.54 -2.85 -7.69
N09 6OZ E . -6.67 -4.47 -6.16
C11 6OZ E . -8.43 -4.07 -4.82
C15 6OZ E . -6.38 -7.44 -4.88
C16 6OZ E . -4.94 -7.14 -5.33
C18 6OZ E . -7.44 -6.48 -4.86
C19 6OZ E . -8.75 -10.07 -3.56
C20 6OZ E . -7.98 -0.63 -6.41
C21 6OZ E . -8.80 -0.93 -4.07
C03 6OZ E . -8.73 -1.54 -5.46
C08 6OZ E . -10.28 -2.58 -7.16
N10 6OZ E . -7.03 -3.21 -6.27
C12 6OZ E . -7.48 -5.04 -5.28
N13 6OZ E . -6.80 -8.68 -4.46
C14 6OZ E . -8.08 -8.81 -4.08
S17 6OZ E . -8.81 -7.31 -4.31
#